data_8U3M
#
_entry.id   8U3M
#
_entity_poly.entity_id   1
_entity_poly.type   'polyribonucleotide'
_entity_poly.pdbx_seq_one_letter_code
;GGCAGAUCUGAGCCUUCGGGAGCUCUCUGCC
;
_entity_poly.pdbx_strand_id   A
#